data_3LD3
#
_entry.id   3LD3
#
_cell.length_a   135.380
_cell.length_b   135.380
_cell.length_c   135.380
_cell.angle_alpha   90.00
_cell.angle_beta   90.00
_cell.angle_gamma   90.00
#
_symmetry.space_group_name_H-M   'I 21 3'
#
loop_
_entity.id
_entity.type
_entity.pdbx_description
1 polymer 'Inorganic pyrophosphatase'
2 non-polymer 'PHOSPHATE ION'
3 water water
#
_entity_poly.entity_id   1
_entity_poly.type   'polypeptide(L)'
_entity_poly.pdbx_seq_one_letter_code
;MAHHHHHHMGTLEAQTQGPGSMNLDDIGSGSNAPEEVNVVIEVSQDSHPVKYEFDEKNGALWVDRFLPTAMYYPCNYGFI
PNTIAGDGDPVDVLVLARFPVMPGAVICVRPVGVLMMNDEKGEDAKVLAVPATKVDQYYGNIVNYSDLPSSFLDSISHFF
SFYKKLEKDKFVSVGCWQDAASAKELIRSAIIAAKKGEN
;
_entity_poly.pdbx_strand_id   A,B
#
# COMPACT_ATOMS: atom_id res chain seq x y z
N ASP A 26 30.94 0.88 12.58
CA ASP A 26 32.00 0.29 11.68
C ASP A 26 31.72 0.55 10.19
N ILE A 27 30.47 0.40 9.77
CA ILE A 27 30.09 0.79 8.40
C ILE A 27 30.22 2.32 8.33
N GLY A 28 29.74 3.01 9.36
CA GLY A 28 29.87 4.48 9.42
C GLY A 28 28.86 5.18 8.50
N SER A 29 28.78 6.51 8.60
CA SER A 29 27.80 7.27 7.82
C SER A 29 28.29 7.59 6.42
N GLY A 30 29.56 7.34 6.15
CA GLY A 30 30.19 7.57 4.82
C GLY A 30 31.32 8.57 4.87
N SER A 31 32.43 8.27 4.18
CA SER A 31 33.59 9.18 4.22
C SER A 31 33.26 10.54 3.60
N ASN A 32 32.31 10.55 2.66
CA ASN A 32 31.92 11.80 1.98
CA ASN A 32 31.91 11.78 1.97
C ASN A 32 30.59 12.35 2.49
N ALA A 33 30.19 11.96 3.70
CA ALA A 33 28.94 12.48 4.31
C ALA A 33 29.13 13.98 4.55
N PRO A 34 28.06 14.76 4.39
CA PRO A 34 26.71 14.40 4.05
C PRO A 34 26.38 14.39 2.56
N GLU A 35 27.35 14.63 1.69
CA GLU A 35 27.11 14.69 0.23
C GLU A 35 26.73 13.31 -0.33
N GLU A 36 27.40 12.28 0.17
CA GLU A 36 27.01 10.87 -0.07
C GLU A 36 27.08 10.16 1.27
N VAL A 37 26.11 9.29 1.53
CA VAL A 37 26.02 8.63 2.82
C VAL A 37 25.72 7.17 2.61
N ASN A 38 26.08 6.37 3.61
CA ASN A 38 25.73 4.95 3.65
C ASN A 38 24.37 4.75 4.28
N VAL A 39 23.57 3.87 3.68
CA VAL A 39 22.27 3.50 4.20
C VAL A 39 22.24 1.97 4.29
N VAL A 40 21.92 1.46 5.48
CA VAL A 40 21.64 0.05 5.70
C VAL A 40 20.14 -0.13 5.47
N ILE A 41 19.79 -0.92 4.47
CA ILE A 41 18.40 -1.15 4.08
C ILE A 41 17.74 -2.08 5.07
N GLU A 42 16.57 -1.68 5.52
CA GLU A 42 15.70 -2.51 6.37
C GLU A 42 14.50 -3.07 5.63
N VAL A 43 13.91 -2.28 4.73
CA VAL A 43 12.76 -2.70 3.97
C VAL A 43 12.97 -2.43 2.49
N SER A 44 12.74 -3.44 1.66
CA SER A 44 12.91 -3.30 0.22
C SER A 44 11.76 -2.53 -0.42
N GLN A 45 12.09 -1.78 -1.46
CA GLN A 45 11.09 -1.14 -2.28
C GLN A 45 10.08 -2.13 -2.83
N ASP A 46 8.80 -1.74 -2.79
CA ASP A 46 7.75 -2.49 -3.41
C ASP A 46 7.52 -3.87 -2.80
N SER A 47 7.87 -4.05 -1.53
CA SER A 47 7.80 -5.36 -0.89
C SER A 47 6.45 -5.56 -0.22
N HIS A 48 6.20 -6.78 0.22
CA HIS A 48 5.08 -7.03 1.13
C HIS A 48 5.37 -6.25 2.42
N PRO A 49 4.31 -5.90 3.16
CA PRO A 49 4.46 -4.99 4.28
C PRO A 49 5.06 -5.61 5.55
N VAL A 50 6.23 -6.26 5.42
CA VAL A 50 6.97 -6.75 6.57
C VAL A 50 7.98 -5.67 6.96
N LYS A 51 7.81 -5.09 8.14
CA LYS A 51 8.69 -3.98 8.55
C LYS A 51 9.81 -4.54 9.42
N TYR A 52 10.95 -4.76 8.80
CA TYR A 52 12.13 -5.18 9.53
C TYR A 52 12.82 -3.96 10.14
N GLU A 53 13.57 -4.23 11.20
CA GLU A 53 14.41 -3.26 11.86
C GLU A 53 15.62 -3.92 12.43
N PHE A 54 16.79 -3.29 12.27
CA PHE A 54 18.00 -3.77 12.92
C PHE A 54 18.04 -3.39 14.39
N ASP A 55 18.58 -4.30 15.19
CA ASP A 55 18.88 -4.07 16.59
C ASP A 55 20.36 -3.69 16.70
N GLU A 56 20.62 -2.57 17.40
CA GLU A 56 21.98 -2.08 17.63
C GLU A 56 22.75 -3.01 18.59
N LYS A 57 22.06 -3.53 19.61
CA LYS A 57 22.67 -4.47 20.55
C LYS A 57 23.18 -5.71 19.80
N ASN A 58 22.26 -6.59 19.38
CA ASN A 58 22.64 -7.83 18.68
C ASN A 58 23.22 -7.65 17.23
N GLY A 59 22.71 -6.71 16.45
CA GLY A 59 23.08 -6.62 15.02
C GLY A 59 22.13 -7.51 14.21
N ALA A 60 21.14 -8.06 14.86
CA ALA A 60 20.17 -8.91 14.21
C ALA A 60 19.08 -8.06 13.54
N LEU A 61 18.54 -8.59 12.45
CA LEU A 61 17.37 -8.02 11.81
C LEU A 61 16.11 -8.63 12.43
N TRP A 62 15.20 -7.80 12.92
CA TRP A 62 13.99 -8.26 13.55
C TRP A 62 12.80 -7.87 12.71
N VAL A 63 11.73 -8.65 12.80
CA VAL A 63 10.46 -8.19 12.33
C VAL A 63 9.88 -7.30 13.44
N ASP A 64 9.77 -6.01 13.18
CA ASP A 64 9.13 -5.10 14.11
C ASP A 64 7.63 -5.34 14.09
N ARG A 65 7.06 -5.33 12.89
CA ARG A 65 5.65 -5.64 12.70
C ARG A 65 5.32 -5.95 11.25
N PHE A 66 4.15 -6.49 11.03
CA PHE A 66 3.53 -6.45 9.72
C PHE A 66 2.63 -5.21 9.71
N LEU A 67 2.72 -4.40 8.68
CA LEU A 67 1.88 -3.19 8.65
C LEU A 67 0.43 -3.64 8.67
N PRO A 68 -0.42 -3.01 9.52
CA PRO A 68 -1.80 -3.42 9.55
C PRO A 68 -2.61 -2.88 8.37
N THR A 69 -2.09 -1.85 7.73
CA THR A 69 -2.67 -1.22 6.56
C THR A 69 -2.14 -1.92 5.30
N ALA A 70 -2.93 -1.84 4.24
CA ALA A 70 -2.56 -2.49 2.95
C ALA A 70 -1.74 -1.50 2.16
N MET A 71 -0.58 -1.15 2.74
CA MET A 71 0.36 -0.18 2.14
C MET A 71 1.72 -0.84 1.99
N TYR A 72 2.60 -0.25 1.21
CA TYR A 72 3.96 -0.80 1.03
C TYR A 72 4.91 0.38 0.97
N TYR A 73 6.16 0.17 1.41
CA TYR A 73 7.17 1.23 1.32
C TYR A 73 7.44 1.61 -0.13
N PRO A 74 7.29 2.89 -0.49
CA PRO A 74 7.43 3.27 -1.91
C PRO A 74 8.86 3.41 -2.42
N CYS A 75 9.82 3.31 -1.51
CA CYS A 75 11.26 3.30 -1.82
C CYS A 75 11.83 2.23 -0.89
N ASN A 76 13.07 1.84 -1.16
CA ASN A 76 13.83 1.13 -0.17
C ASN A 76 13.93 2.03 1.06
N TYR A 77 13.89 1.43 2.23
CA TYR A 77 13.92 2.16 3.47
C TYR A 77 14.95 1.64 4.46
N GLY A 78 15.73 2.54 5.01
CA GLY A 78 16.68 2.15 6.02
C GLY A 78 17.23 3.34 6.76
N PHE A 79 18.41 3.17 7.31
CA PHE A 79 19.02 4.19 8.17
C PHE A 79 20.52 4.44 7.91
N ILE A 80 20.96 5.64 8.28
CA ILE A 80 22.38 5.99 8.19
C ILE A 80 23.07 5.56 9.49
N PRO A 81 24.02 4.63 9.40
CA PRO A 81 24.75 4.26 10.62
C PRO A 81 25.48 5.43 11.26
N ASN A 82 25.60 5.39 12.60
CA ASN A 82 26.40 6.36 13.31
C ASN A 82 25.84 7.77 13.22
N THR A 83 24.51 7.85 13.29
CA THR A 83 23.82 9.12 13.32
C THR A 83 22.81 9.13 14.49
N ILE A 84 22.61 10.31 15.05
CA ILE A 84 21.54 10.51 16.04
C ILE A 84 20.66 11.69 15.62
N ALA A 85 19.48 11.39 15.11
CA ALA A 85 18.51 12.40 14.66
C ALA A 85 17.81 13.00 15.87
N GLY A 86 16.93 13.98 15.62
CA GLY A 86 16.23 14.70 16.67
C GLY A 86 15.49 13.83 17.66
N ASP A 87 14.95 12.72 17.16
CA ASP A 87 14.20 11.80 18.00
C ASP A 87 15.04 10.72 18.70
N GLY A 88 16.37 10.81 18.61
CA GLY A 88 17.30 9.88 19.30
C GLY A 88 17.73 8.65 18.51
N ASP A 89 17.03 8.41 17.41
CA ASP A 89 17.33 7.29 16.53
C ASP A 89 18.21 7.73 15.37
N PRO A 90 18.83 6.79 14.67
CA PRO A 90 19.53 7.17 13.45
C PRO A 90 18.60 7.78 12.39
N VAL A 91 19.18 8.56 11.48
CA VAL A 91 18.42 9.19 10.41
C VAL A 91 17.85 8.14 9.48
N ASP A 92 16.55 8.24 9.21
CA ASP A 92 15.84 7.34 8.30
C ASP A 92 15.92 7.89 6.89
N VAL A 93 16.14 7.00 5.93
CA VAL A 93 16.25 7.35 4.54
C VAL A 93 15.41 6.45 3.66
N LEU A 94 14.68 7.10 2.75
CA LEU A 94 14.02 6.46 1.63
C LEU A 94 14.97 6.52 0.43
N VAL A 95 15.36 5.35 -0.06
CA VAL A 95 16.29 5.27 -1.21
C VAL A 95 15.53 4.78 -2.45
N LEU A 96 15.28 5.70 -3.38
CA LEU A 96 14.66 5.36 -4.64
C LEU A 96 15.69 4.67 -5.50
N ALA A 97 15.36 3.53 -6.08
CA ALA A 97 16.26 2.80 -6.99
C ALA A 97 15.47 2.07 -8.07
N ARG A 98 16.17 1.57 -9.09
CA ARG A 98 15.51 0.92 -10.22
C ARG A 98 14.97 -0.45 -9.85
N PHE A 99 15.59 -1.07 -8.84
CA PHE A 99 15.18 -2.39 -8.35
C PHE A 99 15.24 -2.39 -6.84
N PRO A 100 14.54 -3.32 -6.18
CA PRO A 100 14.60 -3.45 -4.73
C PRO A 100 15.97 -3.88 -4.28
N VAL A 101 16.37 -3.41 -3.11
CA VAL A 101 17.61 -3.80 -2.48
C VAL A 101 17.24 -4.60 -1.22
N MET A 102 17.91 -5.72 -1.02
CA MET A 102 17.54 -6.61 0.04
C MET A 102 17.85 -6.05 1.42
N PRO A 103 17.02 -6.40 2.42
CA PRO A 103 17.33 -5.93 3.76
C PRO A 103 18.67 -6.44 4.22
N GLY A 104 19.40 -5.58 4.90
CA GLY A 104 20.71 -5.88 5.39
C GLY A 104 21.84 -5.46 4.46
N ALA A 105 21.53 -5.18 3.19
CA ALA A 105 22.55 -4.62 2.30
C ALA A 105 22.77 -3.13 2.57
N VAL A 106 23.96 -2.68 2.27
CA VAL A 106 24.37 -1.29 2.47
C VAL A 106 24.49 -0.65 1.11
N ILE A 107 23.99 0.58 0.98
CA ILE A 107 24.10 1.28 -0.32
C ILE A 107 24.52 2.72 -0.08
N CYS A 108 25.39 3.20 -0.96
CA CYS A 108 25.90 4.57 -0.97
C CYS A 108 24.95 5.45 -1.79
N VAL A 109 24.44 6.49 -1.14
CA VAL A 109 23.38 7.30 -1.72
C VAL A 109 23.67 8.80 -1.58
N ARG A 110 22.98 9.56 -2.42
CA ARG A 110 23.05 11.01 -2.43
C ARG A 110 21.70 11.53 -1.95
N PRO A 111 21.66 12.27 -0.82
CA PRO A 111 20.39 12.90 -0.40
C PRO A 111 19.89 13.93 -1.40
N VAL A 112 18.60 13.91 -1.68
CA VAL A 112 18.01 14.87 -2.61
C VAL A 112 16.91 15.74 -1.96
N GLY A 113 16.51 15.40 -0.75
CA GLY A 113 15.47 16.18 -0.07
C GLY A 113 15.11 15.53 1.24
N VAL A 114 14.20 16.15 1.94
CA VAL A 114 13.73 15.61 3.20
C VAL A 114 12.29 15.99 3.41
N LEU A 115 11.49 15.02 3.86
CA LEU A 115 10.10 15.27 4.17
C LEU A 115 10.02 15.44 5.67
N MET A 116 9.63 16.64 6.10
CA MET A 116 9.46 16.88 7.52
C MET A 116 8.14 16.29 8.02
N MET A 117 8.18 15.71 9.20
CA MET A 117 7.00 15.18 9.83
C MET A 117 7.25 15.02 11.30
N ASN A 118 6.16 15.10 12.05
CA ASN A 118 6.14 14.86 13.49
C ASN A 118 5.26 13.67 13.75
N ASP A 119 5.71 12.77 14.62
CA ASP A 119 4.92 11.60 14.98
C ASP A 119 4.99 11.31 16.49
N GLU A 120 4.59 10.10 16.88
CA GLU A 120 4.57 9.71 18.30
C GLU A 120 5.98 9.70 18.93
N LYS A 121 7.02 9.66 18.11
CA LYS A 121 8.41 9.76 18.59
C LYS A 121 8.95 11.19 18.61
N GLY A 122 8.18 12.16 18.16
CA GLY A 122 8.62 13.57 18.07
C GLY A 122 8.97 13.94 16.64
N GLU A 123 10.10 14.62 16.42
CA GLU A 123 10.53 14.99 15.07
C GLU A 123 11.05 13.77 14.33
N ASP A 124 10.46 13.43 13.18
CA ASP A 124 10.80 12.15 12.53
C ASP A 124 10.92 12.31 11.01
N ALA A 125 11.72 13.28 10.60
CA ALA A 125 11.93 13.58 9.19
C ALA A 125 12.42 12.37 8.44
N LYS A 126 12.06 12.29 7.16
CA LYS A 126 12.49 11.19 6.29
C LYS A 126 13.29 11.77 5.14
N VAL A 127 14.57 11.44 5.07
CA VAL A 127 15.42 11.88 3.98
C VAL A 127 15.07 11.04 2.75
N LEU A 128 15.02 11.68 1.59
CA LEU A 128 14.90 11.04 0.31
C LEU A 128 16.22 11.08 -0.45
N ALA A 129 16.64 9.91 -0.96
CA ALA A 129 17.94 9.80 -1.63
C ALA A 129 17.83 8.94 -2.90
N VAL A 130 18.84 9.07 -3.76
CA VAL A 130 18.99 8.23 -4.94
C VAL A 130 20.38 7.60 -4.84
N PRO A 131 20.64 6.51 -5.57
CA PRO A 131 21.99 5.93 -5.52
C PRO A 131 23.05 6.93 -5.95
N ALA A 132 24.22 6.85 -5.34
CA ALA A 132 25.40 7.55 -5.83
C ALA A 132 25.64 7.20 -7.29
N THR A 133 26.20 8.15 -8.03
CA THR A 133 26.41 7.92 -9.47
CA THR A 133 26.59 7.99 -9.45
C THR A 133 27.31 6.70 -9.79
N LYS A 134 28.23 6.32 -8.92
CA LYS A 134 29.05 5.12 -9.17
C LYS A 134 28.26 3.85 -9.03
N VAL A 135 27.12 3.96 -8.36
CA VAL A 135 26.20 2.83 -8.15
C VAL A 135 25.17 2.75 -9.28
N ASP A 136 24.64 3.90 -9.72
CA ASP A 136 23.74 3.91 -10.88
C ASP A 136 23.72 5.32 -11.44
N GLN A 137 24.02 5.48 -12.72
CA GLN A 137 23.96 6.82 -13.33
C GLN A 137 22.55 7.24 -13.73
N TYR A 138 21.59 6.32 -13.64
CA TYR A 138 20.21 6.64 -14.00
C TYR A 138 19.65 7.93 -13.37
N TYR A 139 19.99 8.17 -12.10
CA TYR A 139 19.43 9.32 -11.37
C TYR A 139 20.36 10.51 -11.36
N GLY A 140 21.28 10.55 -12.29
CA GLY A 140 22.26 11.64 -12.37
C GLY A 140 21.73 13.05 -12.43
N ASN A 141 20.58 13.22 -13.06
CA ASN A 141 19.97 14.54 -13.19
C ASN A 141 18.91 14.78 -12.12
N ILE A 142 18.78 13.87 -11.15
CA ILE A 142 17.91 14.08 -10.00
C ILE A 142 18.77 14.68 -8.88
N VAL A 143 18.65 15.98 -8.65
CA VAL A 143 19.48 16.65 -7.64
CA VAL A 143 19.48 16.56 -7.59
C VAL A 143 18.70 17.09 -6.41
N ASN A 144 17.43 17.50 -6.62
CA ASN A 144 16.53 17.85 -5.54
C ASN A 144 15.27 17.04 -5.72
N TYR A 145 14.54 16.87 -4.64
CA TYR A 145 13.30 16.10 -4.62
C TYR A 145 12.34 16.58 -5.71
N SER A 146 12.36 17.89 -5.99
CA SER A 146 11.47 18.49 -6.96
C SER A 146 11.81 18.12 -8.41
N ASP A 147 12.93 17.43 -8.64
CA ASP A 147 13.23 16.88 -9.96
C ASP A 147 12.46 15.56 -10.22
N LEU A 148 11.86 15.00 -9.18
CA LEU A 148 11.04 13.79 -9.32
C LEU A 148 9.57 14.16 -9.53
N PRO A 149 8.77 13.24 -10.11
CA PRO A 149 7.35 13.55 -10.33
C PRO A 149 6.60 13.86 -9.03
N SER A 150 5.77 14.92 -9.08
CA SER A 150 5.03 15.36 -7.91
CA SER A 150 4.97 15.35 -7.94
C SER A 150 4.09 14.27 -7.41
N SER A 151 3.54 13.46 -8.32
CA SER A 151 2.65 12.39 -7.92
C SER A 151 3.40 11.38 -7.05
N PHE A 152 4.67 11.14 -7.37
CA PHE A 152 5.49 10.21 -6.58
C PHE A 152 5.80 10.81 -5.20
N LEU A 153 6.16 12.09 -5.19
CA LEU A 153 6.42 12.78 -3.93
C LEU A 153 5.17 12.76 -3.05
N ASP A 154 4.01 13.00 -3.68
CA ASP A 154 2.74 12.96 -2.98
C ASP A 154 2.42 11.53 -2.45
N SER A 155 2.79 10.48 -3.19
CA SER A 155 2.63 9.10 -2.69
CA SER A 155 2.62 9.11 -2.68
C SER A 155 3.44 8.88 -1.40
N ILE A 156 4.62 9.47 -1.31
CA ILE A 156 5.42 9.35 -0.09
C ILE A 156 4.74 10.06 1.06
N SER A 157 4.29 11.31 0.86
CA SER A 157 3.57 12.06 1.88
CA SER A 157 3.61 12.02 1.93
C SER A 157 2.32 11.29 2.33
N HIS A 158 1.59 10.76 1.35
CA HIS A 158 0.39 9.97 1.60
C HIS A 158 0.70 8.71 2.45
N PHE A 159 1.77 8.01 2.09
CA PHE A 159 2.18 6.83 2.83
C PHE A 159 2.37 7.14 4.32
N PHE A 160 3.16 8.16 4.65
CA PHE A 160 3.43 8.44 6.04
C PHE A 160 2.19 9.02 6.74
N SER A 161 1.34 9.69 5.97
CA SER A 161 0.10 10.24 6.51
C SER A 161 -0.88 9.16 6.97
N PHE A 162 -0.86 7.98 6.32
CA PHE A 162 -1.95 7.02 6.49
C PHE A 162 -1.56 5.62 6.93
N TYR A 163 -0.28 5.26 6.80
CA TYR A 163 0.13 3.88 7.09
C TYR A 163 -0.02 3.43 8.53
N LYS A 164 -0.05 4.41 9.45
CA LYS A 164 -0.20 4.15 10.87
C LYS A 164 -1.62 4.41 11.39
N LYS A 165 -2.58 4.68 10.50
CA LYS A 165 -3.92 5.05 10.93
C LYS A 165 -4.62 3.99 11.75
N LEU A 166 -4.26 2.71 11.57
CA LEU A 166 -4.91 1.62 12.31
C LEU A 166 -4.22 1.30 13.64
N GLU A 167 -3.16 2.02 13.95
CA GLU A 167 -2.46 1.89 15.23
C GLU A 167 -2.81 3.11 16.09
N LYS A 168 -3.68 2.87 17.07
CA LYS A 168 -4.36 3.95 17.78
C LYS A 168 -3.47 4.90 18.54
N ASP A 169 -2.32 4.42 18.99
CA ASP A 169 -1.40 5.23 19.82
C ASP A 169 -0.27 5.87 19.02
N LYS A 170 -0.27 5.64 17.71
CA LYS A 170 0.63 6.28 16.79
C LYS A 170 -0.13 7.38 16.04
N PHE A 171 0.62 8.33 15.51
CA PHE A 171 0.05 9.37 14.67
C PHE A 171 1.19 10.00 13.92
N VAL A 172 0.87 10.54 12.75
CA VAL A 172 1.84 11.26 11.94
C VAL A 172 1.20 12.53 11.38
N SER A 173 1.87 13.65 11.60
CA SER A 173 1.46 14.89 10.97
CA SER A 173 1.48 14.91 10.98
C SER A 173 2.59 15.26 10.02
N VAL A 174 2.29 15.15 8.72
CA VAL A 174 3.28 15.33 7.68
C VAL A 174 3.33 16.79 7.29
N GLY A 175 4.55 17.33 7.21
CA GLY A 175 4.82 18.71 6.81
C GLY A 175 5.21 18.85 5.35
N CYS A 176 6.20 19.69 5.07
CA CYS A 176 6.57 19.97 3.70
CA CYS A 176 6.58 19.99 3.70
C CYS A 176 7.90 19.32 3.35
N TRP A 177 8.14 19.22 2.05
CA TRP A 177 9.44 18.81 1.53
C TRP A 177 10.43 19.98 1.66
N GLN A 178 11.66 19.66 2.00
CA GLN A 178 12.78 20.61 1.91
C GLN A 178 13.85 20.03 1.01
N ASP A 179 14.72 20.91 0.52
CA ASP A 179 15.61 20.61 -0.60
C ASP A 179 16.82 19.79 -0.17
N ALA A 180 17.65 19.41 -1.14
CA ALA A 180 18.83 18.60 -0.84
C ALA A 180 19.77 19.25 0.18
N ALA A 181 19.99 20.56 0.06
CA ALA A 181 20.79 21.31 1.02
C ALA A 181 20.31 21.16 2.46
N SER A 182 19.00 21.26 2.65
CA SER A 182 18.40 21.09 3.97
CA SER A 182 18.40 21.10 3.97
C SER A 182 18.59 19.68 4.49
N ALA A 183 18.36 18.69 3.63
CA ALA A 183 18.59 17.27 4.00
C ALA A 183 20.04 17.04 4.43
N LYS A 184 20.99 17.61 3.67
CA LYS A 184 22.38 17.47 4.04
C LYS A 184 22.69 18.12 5.40
N GLU A 185 22.09 19.27 5.73
CA GLU A 185 22.37 19.92 7.01
CA GLU A 185 22.35 19.92 7.01
C GLU A 185 21.76 19.11 8.16
N LEU A 186 20.59 18.52 7.93
CA LEU A 186 19.99 17.61 8.92
C LEU A 186 20.92 16.43 9.25
N ILE A 187 21.47 15.83 8.20
CA ILE A 187 22.43 14.73 8.33
C ILE A 187 23.70 15.18 9.07
N ARG A 188 24.24 16.34 8.71
CA ARG A 188 25.39 16.92 9.40
CA ARG A 188 25.40 16.88 9.40
C ARG A 188 25.14 16.98 10.90
N SER A 189 24.00 17.56 11.28
CA SER A 189 23.58 17.68 12.69
C SER A 189 23.52 16.34 13.40
N ALA A 190 22.99 15.34 12.72
CA ALA A 190 22.89 13.99 13.26
C ALA A 190 24.24 13.29 13.40
N ILE A 191 25.17 13.57 12.49
CA ILE A 191 26.54 13.07 12.58
C ILE A 191 27.27 13.70 13.77
N ILE A 192 27.11 15.01 13.95
CA ILE A 192 27.69 15.72 15.10
C ILE A 192 27.08 15.21 16.41
N ALA A 193 25.77 14.98 16.43
CA ALA A 193 25.13 14.44 17.62
C ALA A 193 25.72 13.06 17.98
N ALA A 194 26.07 12.26 16.97
CA ALA A 194 26.65 10.93 17.22
C ALA A 194 28.07 11.00 17.76
N LYS A 195 28.85 12.01 17.35
CA LYS A 195 30.21 12.22 17.86
C LYS A 195 30.18 12.66 19.33
N LYS A 196 29.23 13.53 19.68
CA LYS A 196 29.04 14.02 21.06
C LYS A 196 28.54 12.91 21.97
N ASP B 26 -22.14 -15.75 -20.67
CA ASP B 26 -21.37 -16.98 -21.04
C ASP B 26 -20.89 -17.71 -19.78
N ILE B 27 -20.03 -17.05 -18.99
CA ILE B 27 -19.60 -17.64 -17.71
C ILE B 27 -20.78 -17.60 -16.74
N GLY B 28 -21.53 -16.50 -16.72
CA GLY B 28 -22.72 -16.39 -15.90
C GLY B 28 -22.42 -16.17 -14.44
N SER B 29 -23.44 -15.82 -13.68
CA SER B 29 -23.28 -15.45 -12.27
C SER B 29 -23.09 -16.65 -11.36
N GLY B 30 -23.49 -17.84 -11.80
CA GLY B 30 -23.34 -19.04 -11.00
C GLY B 30 -24.65 -19.81 -10.88
N SER B 31 -24.59 -21.11 -11.13
CA SER B 31 -25.78 -21.95 -11.03
C SER B 31 -26.35 -22.05 -9.61
N ASN B 32 -25.50 -21.83 -8.61
CA ASN B 32 -25.89 -21.84 -7.21
CA ASN B 32 -25.92 -21.84 -7.20
C ASN B 32 -25.95 -20.45 -6.56
N ALA B 33 -26.01 -19.40 -7.38
CA ALA B 33 -26.09 -18.02 -6.89
C ALA B 33 -27.41 -17.80 -6.14
N PRO B 34 -27.38 -16.99 -5.06
CA PRO B 34 -26.23 -16.23 -4.54
C PRO B 34 -25.39 -16.95 -3.46
N GLU B 35 -25.66 -18.23 -3.20
CA GLU B 35 -24.91 -18.99 -2.20
C GLU B 35 -23.44 -19.18 -2.58
N GLU B 36 -23.21 -19.52 -3.84
CA GLU B 36 -21.89 -19.50 -4.48
C GLU B 36 -22.03 -18.74 -5.81
N VAL B 37 -21.07 -17.87 -6.12
CA VAL B 37 -21.12 -17.10 -7.34
C VAL B 37 -19.78 -17.19 -8.04
N ASN B 38 -19.78 -16.91 -9.35
CA ASN B 38 -18.56 -16.83 -10.13
C ASN B 38 -18.02 -15.40 -10.11
N VAL B 39 -16.71 -15.27 -9.96
CA VAL B 39 -16.04 -13.97 -10.01
C VAL B 39 -14.90 -14.06 -11.01
N VAL B 40 -14.86 -13.11 -11.95
CA VAL B 40 -13.73 -12.98 -12.84
C VAL B 40 -12.73 -12.03 -12.17
N ILE B 41 -11.55 -12.53 -11.88
CA ILE B 41 -10.52 -11.76 -11.18
C ILE B 41 -9.92 -10.73 -12.12
N GLU B 42 -9.79 -9.51 -11.61
CA GLU B 42 -9.13 -8.42 -12.29
C GLU B 42 -7.77 -8.04 -11.66
N VAL B 43 -7.68 -8.06 -10.34
CA VAL B 43 -6.44 -7.75 -9.63
C VAL B 43 -6.11 -8.85 -8.63
N SER B 44 -4.88 -9.33 -8.66
CA SER B 44 -4.41 -10.32 -7.72
C SER B 44 -4.19 -9.71 -6.34
N GLN B 45 -4.53 -10.48 -5.33
CA GLN B 45 -4.19 -10.16 -3.96
C GLN B 45 -2.70 -9.88 -3.79
N ASP B 46 -2.37 -8.88 -2.98
CA ASP B 46 -0.98 -8.66 -2.55
C ASP B 46 0.00 -8.33 -3.71
N SER B 47 -0.50 -7.75 -4.78
CA SER B 47 0.25 -7.56 -6.01
C SER B 47 0.73 -6.12 -6.08
N HIS B 48 1.55 -5.86 -7.07
CA HIS B 48 1.91 -4.50 -7.43
C HIS B 48 0.64 -3.77 -7.82
N PRO B 49 0.59 -2.45 -7.60
CA PRO B 49 -0.68 -1.70 -7.77
C PRO B 49 -1.05 -1.41 -9.26
N VAL B 50 -1.05 -2.45 -10.10
CA VAL B 50 -1.58 -2.35 -11.46
C VAL B 50 -3.05 -2.77 -11.43
N LYS B 51 -3.93 -1.82 -11.72
CA LYS B 51 -5.35 -2.06 -11.60
C LYS B 51 -5.89 -2.39 -12.98
N TYR B 52 -6.07 -3.68 -13.27
CA TYR B 52 -6.65 -4.12 -14.52
C TYR B 52 -8.17 -4.08 -14.42
N GLU B 53 -8.79 -4.01 -15.58
CA GLU B 53 -10.21 -4.02 -15.73
C GLU B 53 -10.55 -4.74 -17.02
N PHE B 54 -11.54 -5.61 -16.96
CA PHE B 54 -12.09 -6.19 -18.17
C PHE B 54 -13.05 -5.23 -18.87
N ASP B 55 -13.07 -5.34 -20.18
CA ASP B 55 -14.00 -4.61 -21.02
C ASP B 55 -14.99 -5.62 -21.58
N GLU B 56 -16.29 -5.31 -21.44
CA GLU B 56 -17.38 -6.22 -21.86
C GLU B 56 -17.54 -6.30 -23.38
N LYS B 57 -17.25 -5.21 -24.09
CA LYS B 57 -17.24 -5.19 -25.56
C LYS B 57 -16.26 -6.24 -26.12
N ASN B 58 -14.96 -6.04 -25.91
CA ASN B 58 -13.93 -6.94 -26.46
C ASN B 58 -13.61 -8.20 -25.64
N GLY B 59 -13.92 -8.19 -24.35
CA GLY B 59 -13.40 -9.22 -23.44
C GLY B 59 -11.90 -9.05 -23.17
N ALA B 60 -11.35 -7.87 -23.49
CA ALA B 60 -9.92 -7.62 -23.33
C ALA B 60 -9.65 -7.15 -21.90
N LEU B 61 -8.48 -7.52 -21.37
CA LEU B 61 -8.06 -7.01 -20.09
C LEU B 61 -7.25 -5.74 -20.33
N TRP B 62 -7.64 -4.65 -19.67
CA TRP B 62 -7.00 -3.34 -19.83
C TRP B 62 -6.33 -2.93 -18.55
N VAL B 63 -5.22 -2.17 -18.66
CA VAL B 63 -4.69 -1.47 -17.54
C VAL B 63 -5.53 -0.19 -17.35
N ASP B 64 -6.34 -0.14 -16.30
CA ASP B 64 -7.11 1.07 -16.03
C ASP B 64 -6.18 2.14 -15.51
N ARG B 65 -5.37 1.80 -14.51
CA ARG B 65 -4.38 2.73 -13.96
C ARG B 65 -3.36 1.99 -13.12
N PHE B 66 -2.26 2.68 -12.82
CA PHE B 66 -1.41 2.29 -11.74
C PHE B 66 -1.89 3.11 -10.55
N LEU B 67 -2.16 2.50 -9.41
CA LEU B 67 -2.55 3.31 -8.22
C LEU B 67 -1.47 4.34 -7.90
N PRO B 68 -1.88 5.62 -7.75
CA PRO B 68 -0.92 6.69 -7.42
C PRO B 68 -0.37 6.56 -6.02
N THR B 69 -1.16 5.91 -5.14
CA THR B 69 -0.81 5.68 -3.77
C THR B 69 -0.02 4.36 -3.62
N ALA B 70 0.76 4.28 -2.55
CA ALA B 70 1.56 3.11 -2.23
C ALA B 70 0.71 2.14 -1.43
N MET B 71 -0.35 1.66 -2.08
CA MET B 71 -1.27 0.69 -1.52
C MET B 71 -1.42 -0.52 -2.47
N TYR B 72 -1.93 -1.60 -1.93
CA TYR B 72 -2.15 -2.81 -2.72
C TYR B 72 -3.49 -3.42 -2.32
N TYR B 73 -4.13 -4.10 -3.28
CA TYR B 73 -5.37 -4.79 -3.00
C TYR B 73 -5.16 -5.93 -1.97
N PRO B 74 -5.87 -5.87 -0.82
CA PRO B 74 -5.65 -6.86 0.24
C PRO B 74 -6.37 -8.19 0.02
N CYS B 75 -7.21 -8.25 -1.01
CA CYS B 75 -7.86 -9.48 -1.45
C CYS B 75 -7.73 -9.49 -2.95
N ASN B 76 -7.95 -10.64 -3.57
CA ASN B 76 -8.16 -10.68 -5.01
C ASN B 76 -9.41 -9.85 -5.27
N TYR B 77 -9.51 -9.25 -6.44
CA TYR B 77 -10.58 -8.32 -6.72
C TYR B 77 -11.07 -8.54 -8.13
N GLY B 78 -12.40 -8.63 -8.29
CA GLY B 78 -12.99 -8.83 -9.60
C GLY B 78 -14.50 -8.59 -9.56
N PHE B 79 -15.23 -9.18 -10.51
CA PHE B 79 -16.66 -8.90 -10.62
C PHE B 79 -17.44 -10.18 -10.91
N ILE B 80 -18.72 -10.12 -10.62
CA ILE B 80 -19.64 -11.24 -10.96
C ILE B 80 -20.22 -10.97 -12.36
N PRO B 81 -19.95 -11.85 -13.34
CA PRO B 81 -20.53 -11.67 -14.67
C PRO B 81 -22.05 -11.68 -14.63
N ASN B 82 -22.66 -10.95 -15.57
CA ASN B 82 -24.12 -10.98 -15.74
C ASN B 82 -24.84 -10.50 -14.50
N THR B 83 -24.32 -9.43 -13.90
CA THR B 83 -24.99 -8.73 -12.82
C THR B 83 -25.01 -7.25 -13.16
N ILE B 84 -26.06 -6.56 -12.70
CA ILE B 84 -26.14 -5.10 -12.78
C ILE B 84 -26.50 -4.63 -11.39
N ALA B 85 -25.50 -4.09 -10.68
CA ALA B 85 -25.71 -3.51 -9.35
C ALA B 85 -26.45 -2.18 -9.49
N GLY B 86 -26.74 -1.55 -8.35
CA GLY B 86 -27.53 -0.31 -8.34
C GLY B 86 -26.92 0.80 -9.18
N ASP B 87 -25.58 0.87 -9.19
CA ASP B 87 -24.86 1.91 -9.91
C ASP B 87 -24.65 1.63 -11.41
N GLY B 88 -25.16 0.51 -11.91
CA GLY B 88 -25.10 0.21 -13.34
C GLY B 88 -24.01 -0.76 -13.75
N ASP B 89 -23.02 -0.97 -12.88
CA ASP B 89 -21.91 -1.89 -13.16
C ASP B 89 -22.18 -3.25 -12.54
N PRO B 90 -21.43 -4.29 -12.98
CA PRO B 90 -21.50 -5.56 -12.28
C PRO B 90 -21.06 -5.43 -10.82
N VAL B 91 -21.47 -6.39 -10.02
CA VAL B 91 -21.13 -6.47 -8.63
C VAL B 91 -19.64 -6.76 -8.48
N ASP B 92 -18.99 -5.90 -7.71
CA ASP B 92 -17.57 -6.04 -7.40
C ASP B 92 -17.39 -6.91 -6.16
N VAL B 93 -16.39 -7.77 -6.20
CA VAL B 93 -16.12 -8.74 -5.14
C VAL B 93 -14.62 -8.80 -4.79
N LEU B 94 -14.35 -8.69 -3.50
CA LEU B 94 -13.08 -9.00 -2.89
C LEU B 94 -13.08 -10.47 -2.51
N VAL B 95 -12.16 -11.25 -3.09
CA VAL B 95 -12.02 -12.66 -2.81
C VAL B 95 -10.73 -12.91 -2.02
N LEU B 96 -10.88 -13.17 -0.73
CA LEU B 96 -9.76 -13.54 0.14
C LEU B 96 -9.36 -14.94 -0.18
N ALA B 97 -8.07 -15.18 -0.35
CA ALA B 97 -7.60 -16.53 -0.67
C ALA B 97 -6.19 -16.74 -0.13
N ARG B 98 -5.74 -17.99 -0.06
CA ARG B 98 -4.41 -18.32 0.48
C ARG B 98 -3.26 -17.90 -0.43
N PHE B 99 -3.56 -17.79 -1.73
CA PHE B 99 -2.56 -17.36 -2.71
C PHE B 99 -3.26 -16.43 -3.72
N PRO B 100 -2.47 -15.59 -4.39
CA PRO B 100 -3.04 -14.73 -5.41
C PRO B 100 -3.56 -15.54 -6.58
N VAL B 101 -4.63 -15.03 -7.19
CA VAL B 101 -5.23 -15.59 -8.40
C VAL B 101 -4.98 -14.65 -9.55
N MET B 102 -4.55 -15.19 -10.70
CA MET B 102 -4.17 -14.34 -11.84
C MET B 102 -5.35 -13.63 -12.49
N PRO B 103 -5.13 -12.40 -12.97
CA PRO B 103 -6.20 -11.69 -13.66
C PRO B 103 -6.68 -12.50 -14.85
N GLY B 104 -7.99 -12.52 -15.01
CA GLY B 104 -8.63 -13.27 -16.09
C GLY B 104 -9.15 -14.62 -15.68
N ALA B 105 -8.66 -15.17 -14.57
CA ALA B 105 -9.17 -16.44 -14.07
C ALA B 105 -10.52 -16.25 -13.39
N VAL B 106 -11.33 -17.29 -13.47
CA VAL B 106 -12.64 -17.33 -12.83
C VAL B 106 -12.56 -18.23 -11.62
N ILE B 107 -13.18 -17.78 -10.54
CA ILE B 107 -13.20 -18.54 -9.30
C ILE B 107 -14.60 -18.55 -8.70
N CYS B 108 -14.99 -19.72 -8.21
CA CYS B 108 -16.26 -19.93 -7.52
C CYS B 108 -16.08 -19.62 -6.05
N VAL B 109 -16.89 -18.67 -5.57
CA VAL B 109 -16.75 -18.15 -4.21
C VAL B 109 -18.07 -18.08 -3.44
N ARG B 110 -17.95 -17.99 -2.13
CA ARG B 110 -19.07 -17.85 -1.23
C ARG B 110 -19.07 -16.46 -0.61
N PRO B 111 -20.13 -15.67 -0.84
CA PRO B 111 -20.17 -14.35 -0.20
C PRO B 111 -20.28 -14.49 1.31
N VAL B 112 -19.54 -13.68 2.06
CA VAL B 112 -19.61 -13.66 3.51
C VAL B 112 -19.98 -12.31 4.10
N GLY B 113 -20.04 -11.27 3.27
CA GLY B 113 -20.40 -9.93 3.73
C GLY B 113 -20.26 -8.90 2.62
N VAL B 114 -20.49 -7.66 2.96
CA VAL B 114 -20.43 -6.58 2.00
C VAL B 114 -20.10 -5.27 2.71
N LEU B 115 -19.17 -4.53 2.13
CA LEU B 115 -18.77 -3.22 2.65
C LEU B 115 -19.41 -2.14 1.81
N MET B 116 -20.28 -1.36 2.44
CA MET B 116 -21.00 -0.30 1.78
C MET B 116 -20.08 0.91 1.66
N MET B 117 -20.09 1.56 0.51
CA MET B 117 -19.33 2.79 0.32
C MET B 117 -19.92 3.61 -0.80
N ASN B 118 -19.78 4.92 -0.70
CA ASN B 118 -20.10 5.80 -1.81
C ASN B 118 -18.83 6.37 -2.38
N ASP B 119 -18.77 6.45 -3.70
CA ASP B 119 -17.59 6.92 -4.40
C ASP B 119 -18.02 7.59 -5.73
N GLU B 120 -17.07 7.83 -6.64
CA GLU B 120 -17.39 8.45 -7.93
C GLU B 120 -18.11 7.53 -8.95
N LYS B 121 -18.37 6.27 -8.57
CA LYS B 121 -19.28 5.41 -9.31
C LYS B 121 -20.70 5.55 -8.78
N GLY B 122 -20.85 6.30 -7.69
CA GLY B 122 -22.13 6.48 -7.04
C GLY B 122 -22.27 5.61 -5.81
N GLU B 123 -23.49 5.13 -5.58
CA GLU B 123 -23.81 4.30 -4.42
C GLU B 123 -23.28 2.89 -4.65
N ASP B 124 -22.09 2.64 -4.11
CA ASP B 124 -21.30 1.45 -4.40
C ASP B 124 -21.35 0.46 -3.21
N ALA B 125 -20.73 -0.70 -3.40
CA ALA B 125 -20.66 -1.74 -2.37
C ALA B 125 -19.58 -2.73 -2.84
N LYS B 126 -18.81 -3.27 -1.92
CA LYS B 126 -17.80 -4.31 -2.23
C LYS B 126 -18.14 -5.58 -1.43
N VAL B 127 -18.56 -6.61 -2.15
CA VAL B 127 -18.85 -7.89 -1.55
C VAL B 127 -17.54 -8.53 -1.12
N LEU B 128 -17.54 -9.12 0.09
CA LEU B 128 -16.39 -9.91 0.55
C LEU B 128 -16.76 -11.37 0.44
N ALA B 129 -15.86 -12.16 -0.16
CA ALA B 129 -16.11 -13.60 -0.35
C ALA B 129 -14.82 -14.41 -0.07
N VAL B 130 -15.01 -15.73 0.16
CA VAL B 130 -13.91 -16.69 0.26
C VAL B 130 -14.13 -17.76 -0.79
N PRO B 131 -13.08 -18.54 -1.14
CA PRO B 131 -13.36 -19.58 -2.14
C PRO B 131 -14.42 -20.55 -1.63
N ALA B 132 -15.24 -21.07 -2.54
CA ALA B 132 -16.15 -22.20 -2.24
C ALA B 132 -15.33 -23.36 -1.67
N THR B 133 -15.96 -24.15 -0.83
CA THR B 133 -15.30 -25.24 -0.12
C THR B 133 -14.66 -26.26 -1.05
N LYS B 134 -15.28 -26.46 -2.20
CA LYS B 134 -14.74 -27.32 -3.25
C LYS B 134 -13.45 -26.80 -3.90
N VAL B 135 -13.18 -25.51 -3.76
CA VAL B 135 -11.98 -24.87 -4.29
C VAL B 135 -10.89 -24.85 -3.20
N ASP B 136 -11.25 -24.51 -1.98
CA ASP B 136 -10.31 -24.61 -0.87
C ASP B 136 -11.09 -24.80 0.41
N GLN B 137 -10.70 -25.81 1.20
CA GLN B 137 -11.36 -26.12 2.49
CA GLN B 137 -11.39 -26.08 2.47
C GLN B 137 -11.00 -25.12 3.58
N TYR B 138 -9.88 -24.43 3.40
CA TYR B 138 -9.34 -23.51 4.42
C TYR B 138 -10.36 -22.56 5.06
N TYR B 139 -11.23 -21.95 4.24
CA TYR B 139 -12.16 -20.94 4.72
C TYR B 139 -13.57 -21.51 4.95
N GLY B 140 -13.69 -22.82 5.01
CA GLY B 140 -15.00 -23.48 5.09
C GLY B 140 -15.80 -23.09 6.32
N ASN B 141 -15.12 -22.68 7.39
CA ASN B 141 -15.80 -22.22 8.61
C ASN B 141 -16.03 -20.71 8.66
N ILE B 142 -15.62 -19.96 7.62
CA ILE B 142 -15.95 -18.53 7.54
C ILE B 142 -17.37 -18.37 6.97
N VAL B 143 -18.32 -18.06 7.85
CA VAL B 143 -19.74 -17.91 7.52
C VAL B 143 -20.13 -16.45 7.21
N ASN B 144 -19.62 -15.53 8.03
CA ASN B 144 -19.89 -14.11 7.87
C ASN B 144 -18.56 -13.37 7.97
N TYR B 145 -18.56 -12.13 7.49
CA TYR B 145 -17.36 -11.29 7.53
C TYR B 145 -16.79 -11.20 8.92
N SER B 146 -17.66 -11.27 9.94
CA SER B 146 -17.25 -11.15 11.33
C SER B 146 -16.50 -12.39 11.85
N ASP B 147 -16.42 -13.45 11.05
CA ASP B 147 -15.56 -14.56 11.42
C ASP B 147 -14.08 -14.34 11.05
N LEU B 148 -13.78 -13.26 10.31
CA LEU B 148 -12.41 -12.90 9.96
C LEU B 148 -11.89 -11.88 10.98
N PRO B 149 -10.57 -11.74 11.08
CA PRO B 149 -10.05 -10.79 12.09
C PRO B 149 -10.44 -9.35 11.86
N SER B 150 -10.87 -8.68 12.94
CA SER B 150 -11.28 -7.29 12.83
C SER B 150 -10.20 -6.37 12.31
N SER B 151 -8.95 -6.69 12.64
CA SER B 151 -7.83 -5.89 12.18
C SER B 151 -7.73 -5.94 10.66
N PHE B 152 -8.07 -7.08 10.07
CA PHE B 152 -8.06 -7.24 8.61
C PHE B 152 -9.25 -6.53 7.93
N LEU B 153 -10.45 -6.67 8.54
CA LEU B 153 -11.62 -5.96 8.05
C LEU B 153 -11.35 -4.44 8.03
N ASP B 154 -10.73 -3.96 9.10
CA ASP B 154 -10.32 -2.54 9.20
C ASP B 154 -9.32 -2.16 8.12
N SER B 155 -8.38 -3.06 7.79
CA SER B 155 -7.46 -2.84 6.69
CA SER B 155 -7.45 -2.81 6.69
C SER B 155 -8.19 -2.66 5.34
N ILE B 156 -9.26 -3.43 5.13
CA ILE B 156 -10.04 -3.29 3.90
C ILE B 156 -10.73 -1.92 3.87
N SER B 157 -11.35 -1.55 4.99
CA SER B 157 -12.01 -0.25 5.08
CA SER B 157 -12.01 -0.25 5.08
C SER B 157 -11.03 0.89 4.85
N HIS B 158 -9.86 0.80 5.46
CA HIS B 158 -8.80 1.80 5.28
C HIS B 158 -8.36 1.85 3.80
N PHE B 159 -8.16 0.70 3.17
CA PHE B 159 -7.80 0.71 1.75
C PHE B 159 -8.76 1.54 0.89
N PHE B 160 -10.06 1.30 1.02
CA PHE B 160 -11.00 2.03 0.21
C PHE B 160 -11.10 3.47 0.61
N SER B 161 -10.86 3.77 1.89
CA SER B 161 -10.91 5.15 2.37
C SER B 161 -9.76 6.01 1.85
N PHE B 162 -8.60 5.41 1.55
CA PHE B 162 -7.39 6.19 1.26
C PHE B 162 -6.74 5.95 -0.09
N TYR B 163 -7.06 4.83 -0.76
CA TYR B 163 -6.36 4.53 -2.02
C TYR B 163 -6.54 5.53 -3.15
N LYS B 164 -7.63 6.32 -3.11
CA LYS B 164 -7.91 7.28 -4.16
C LYS B 164 -7.66 8.71 -3.70
N LYS B 165 -7.10 8.90 -2.50
CA LYS B 165 -6.94 10.26 -1.91
C LYS B 165 -6.11 11.20 -2.74
N LEU B 166 -5.19 10.69 -3.55
CA LEU B 166 -4.38 11.52 -4.43
C LEU B 166 -5.08 11.85 -5.76
N GLU B 167 -6.27 11.31 -5.99
CA GLU B 167 -7.04 11.57 -7.19
C GLU B 167 -8.22 12.45 -6.71
N LYS B 168 -8.05 13.76 -6.83
CA LYS B 168 -9.03 14.73 -6.31
C LYS B 168 -10.35 14.77 -7.12
N ASP B 169 -10.35 14.13 -8.29
CA ASP B 169 -11.55 13.84 -9.07
C ASP B 169 -12.27 12.57 -8.61
N LYS B 170 -11.87 12.06 -7.45
CA LYS B 170 -12.55 10.92 -6.87
C LYS B 170 -12.73 11.17 -5.39
N PHE B 171 -13.62 10.40 -4.78
CA PHE B 171 -13.74 10.41 -3.33
CA PHE B 171 -13.74 10.40 -3.32
C PHE B 171 -14.33 9.09 -2.88
N VAL B 172 -14.05 8.69 -1.66
CA VAL B 172 -14.67 7.48 -1.18
C VAL B 172 -15.12 7.73 0.23
N SER B 173 -16.40 7.49 0.47
CA SER B 173 -16.94 7.56 1.80
C SER B 173 -17.34 6.14 2.19
N VAL B 174 -16.57 5.55 3.10
CA VAL B 174 -16.75 4.17 3.47
C VAL B 174 -17.76 4.08 4.62
N GLY B 175 -18.74 3.20 4.45
CA GLY B 175 -19.75 2.95 5.46
C GLY B 175 -19.44 1.71 6.31
N CYS B 176 -20.48 0.94 6.61
CA CYS B 176 -20.38 -0.20 7.51
CA CYS B 176 -20.32 -0.20 7.51
C CYS B 176 -20.36 -1.54 6.77
N TRP B 177 -19.90 -2.56 7.46
CA TRP B 177 -20.05 -3.93 7.01
C TRP B 177 -21.47 -4.42 7.26
N GLN B 178 -21.99 -5.19 6.32
CA GLN B 178 -23.22 -5.95 6.51
C GLN B 178 -22.92 -7.42 6.29
N ASP B 179 -23.81 -8.27 6.78
CA ASP B 179 -23.57 -9.70 6.85
C ASP B 179 -23.77 -10.47 5.55
N ALA B 180 -23.48 -11.77 5.60
CA ALA B 180 -23.55 -12.62 4.43
C ALA B 180 -24.96 -12.60 3.79
N ALA B 181 -25.99 -12.63 4.64
CA ALA B 181 -27.37 -12.61 4.13
C ALA B 181 -27.63 -11.33 3.34
N SER B 182 -27.10 -10.21 3.83
CA SER B 182 -27.25 -8.94 3.13
CA SER B 182 -27.27 -8.94 3.13
C SER B 182 -26.54 -8.96 1.79
N ALA B 183 -25.31 -9.45 1.81
CA ALA B 183 -24.51 -9.56 0.58
C ALA B 183 -25.24 -10.41 -0.47
N LYS B 184 -25.79 -11.53 -0.03
CA LYS B 184 -26.53 -12.41 -0.94
C LYS B 184 -27.78 -11.75 -1.53
N GLU B 185 -28.48 -10.96 -0.74
CA GLU B 185 -29.63 -10.22 -1.24
C GLU B 185 -29.24 -9.17 -2.29
N LEU B 186 -28.14 -8.47 -2.05
CA LEU B 186 -27.60 -7.51 -3.03
C LEU B 186 -27.32 -8.22 -4.36
N ILE B 187 -26.71 -9.38 -4.27
CA ILE B 187 -26.39 -10.18 -5.43
C ILE B 187 -27.66 -10.67 -6.13
N ARG B 188 -28.63 -11.18 -5.37
CA ARG B 188 -29.92 -11.62 -5.93
C ARG B 188 -30.56 -10.53 -6.81
N SER B 189 -30.67 -9.32 -6.26
CA SER B 189 -31.22 -8.15 -6.96
C SER B 189 -30.45 -7.80 -8.22
N ALA B 190 -29.12 -7.86 -8.12
CA ALA B 190 -28.27 -7.56 -9.26
C ALA B 190 -28.43 -8.58 -10.39
N ILE B 191 -28.65 -9.85 -10.04
CA ILE B 191 -28.90 -10.90 -11.04
C ILE B 191 -30.26 -10.66 -11.71
N ILE B 192 -31.27 -10.38 -10.91
CA ILE B 192 -32.62 -10.05 -11.40
C ILE B 192 -32.53 -8.88 -12.36
N ALA B 193 -31.82 -7.83 -11.94
CA ALA B 193 -31.63 -6.64 -12.78
C ALA B 193 -30.97 -6.95 -14.12
N ALA B 194 -30.06 -7.92 -14.14
CA ALA B 194 -29.37 -8.30 -15.37
C ALA B 194 -30.28 -9.15 -16.28
N LYS B 195 -31.27 -9.83 -15.68
CA LYS B 195 -32.21 -10.64 -16.46
C LYS B 195 -33.24 -9.76 -17.20
N LYS B 196 -33.69 -8.69 -16.55
CA LYS B 196 -34.72 -7.80 -17.10
C LYS B 196 -34.22 -7.01 -18.30
#